data_8X9M
#
_entry.id   8X9M
#
_cell.length_a   1.00
_cell.length_b   1.00
_cell.length_c   1.00
_cell.angle_alpha   90.00
_cell.angle_beta   90.00
_cell.angle_gamma   90.00
#
_symmetry.space_group_name_H-M   'P 1'
#
loop_
_entity.id
_entity.type
_entity.pdbx_description
1 polymer 'RNA (808-MER)'
2 non-polymer 'MAGNESIUM ION'
3 non-polymer 'POTASSIUM ION'
4 water water
#
_entity_poly.entity_id   1
_entity_poly.type   'polyribonucleotide'
_entity_poly.pdbx_seq_one_letter_code
;GCCGGGGCGCCACCCCGGAAGUGAUGCGAGUCGCAACUCGCAUCACAAGCAAACGCUGUAGCCGCGUGCCUCUAAUAGGG
CUGGCGCGGUUGCGAAGGGCGCUGGUGAGUGCAACUCUCACCUUCGACCCAAUCCAUCUUGCGGCUCAACCCCGCAAGAU
CAUCGCCAGACCGCUGGCGGCGUACUGAGUGACAAACGAGGCAAAACCAAAUUGAAGUUGGGCGACCGUGAAACGGCGCU
GGGCAGGAAAUGGCCCAGUGACCUGGUCAAUGGUGAAAGUCGGUGAAAGACCGACCGGUGGGGCGUAUCGAAAGAGCGCA
ACACCUGCCGCACAGGAUGGCUUCUGAGGUACCGGUGACGGUACAGAACGCGGAGGGGAAACCUGGAAGCGAGGGCACCU
CGGGAAACCGGGGGUCGAUGCAUAGCUCAAACCUGUAACGGCACCAGUGGAGGGUGCUGUGCGGAGCAACGUGGAGCCAC
AGGCAUGAAGCCGUGGUUCGUAGUCGAUGAGACAAGCGGUGAGUAAGGGAAGGGCUGCGAACAUCGCCUCCCCGAAAUCC
AAGGAAAGCCGAAAGGCUAGCCGCUUUGUUGAGACAGUGGCGCCACGUUGCGCAUUAGCCGUGACCUAAACGGGGAACCU
CUUGGCCGUACCGACUCGGGUGGCACCGGUCGGGCUCGAUGGCUCAAGAGGGGGAGAUGUGAUGAUUAGGGUUUGACCCG
UGAUGCGAUACGACCGAAGCAUCCGGGGAGCUGUCUGACGAAGAGUCGGCAGCAGUGGGUUUGGCGACCCGCUCCGAAAG
UCGCAAGC
;
_entity_poly.pdbx_strand_id   A
#